data_8JDO
#
_entry.id   8JDO
#
_cell.length_a   81.378
_cell.length_b   102.945
_cell.length_c   122.357
_cell.angle_alpha   90.00
_cell.angle_beta   90.00
_cell.angle_gamma   90.00
#
_symmetry.space_group_name_H-M   'I 2 2 2'
#
loop_
_entity.id
_entity.type
_entity.pdbx_description
1 polymer 'Probable D-lactate dehydrogenase, mitochondrial'
2 non-polymer '(2R)-2-hydroxyhexanoic acid'
3 non-polymer 'FLAVIN-ADENINE DINUCLEOTIDE'
4 water water
#
_entity_poly.entity_id   1
_entity_poly.type   'polypeptide(L)'
_entity_poly.pdbx_seq_one_letter_code
;WSHPQFEKGSQGGLSQDFVEALKAVVGSPHVSTASAVREQHGHDESMHRCQPPDAVVWPQNVDQVSRVASLCYNQGVPII
PFGTGTGVEGGVCAVQGGVCINLTHMDQITELNTEDFSVVVEPGVTRKALNTHLRDSGLWFPVDPGADASLCGMAATGAS
GTNAVRYGTMRDNVINLEVVLPDGRLLHTAGRGRHYRKSAAGYNLTGLFVGSEGTLGIITSTTLRLHPAPEATVAATCAF
PSVQAAVDSTVQILQAAVPVARIEFLDDVMMDACNRHSKLNCPVAPTLFLEFHGSQQTLAEQLQRTEAITQDNGGSHFSW
AKEAEKRNELWAARHNAWYAALALSPGSKAYSTDVCVPISRLPEILVETKEEIKASKLTGAIVGHVGDGNFACILLVDPD
DAEEQRRVKAFAENLGRRALALGGTCTGEHGIGLGKRQLLQEEVGPVGVETMRQLKNTLDPRGLMNPGKVL
;
_entity_poly.pdbx_strand_id   A
#
loop_
_chem_comp.id
_chem_comp.type
_chem_comp.name
_chem_comp.formula
7N6 non-polymer '(2R)-2-hydroxyhexanoic acid' 'C6 H12 O3'
FAD non-polymer 'FLAVIN-ADENINE DINUCLEOTIDE' 'C27 H33 N9 O15 P2'
#
# COMPACT_ATOMS: atom_id res chain seq x y z
N LEU A 14 31.22 4.25 -7.63
CA LEU A 14 31.28 4.04 -6.19
C LEU A 14 32.65 3.41 -5.79
N SER A 15 33.41 4.09 -4.94
CA SER A 15 34.83 3.81 -4.75
C SER A 15 35.07 2.54 -3.92
N GLN A 16 36.23 1.93 -4.15
CA GLN A 16 36.56 0.71 -3.41
C GLN A 16 36.71 1.00 -1.92
N ASP A 17 37.26 2.17 -1.58
CA ASP A 17 37.36 2.54 -0.17
C ASP A 17 35.97 2.65 0.46
N PHE A 18 35.01 3.20 -0.28
CA PHE A 18 33.67 3.33 0.28
C PHE A 18 33.03 1.96 0.48
N VAL A 19 33.20 1.05 -0.49
CA VAL A 19 32.63 -0.29 -0.35
C VAL A 19 33.23 -0.99 0.85
N GLU A 20 34.54 -0.86 1.05
CA GLU A 20 35.17 -1.50 2.21
C GLU A 20 34.62 -0.92 3.51
N ALA A 21 34.31 0.38 3.52
CA ALA A 21 33.75 0.99 4.73
C ALA A 21 32.37 0.44 5.02
N LEU A 22 31.56 0.20 3.98
CA LEU A 22 30.27 -0.44 4.18
C LEU A 22 30.44 -1.85 4.76
N LYS A 23 31.37 -2.61 4.19
CA LYS A 23 31.63 -3.96 4.68
C LYS A 23 32.10 -3.94 6.13
N ALA A 24 32.85 -2.90 6.51
CA ALA A 24 33.27 -2.77 7.90
C ALA A 24 32.10 -2.64 8.86
N VAL A 25 30.95 -2.14 8.40
CA VAL A 25 29.80 -1.98 9.29
C VAL A 25 28.97 -3.25 9.37
N VAL A 26 28.59 -3.80 8.22
CA VAL A 26 27.59 -4.86 8.20
C VAL A 26 28.18 -6.24 7.96
N GLY A 27 29.44 -6.33 7.56
CA GLY A 27 30.01 -7.63 7.24
C GLY A 27 30.07 -7.87 5.76
N SER A 28 31.17 -8.47 5.30
CA SER A 28 31.36 -8.67 3.87
C SER A 28 30.21 -9.38 3.16
N PRO A 29 29.58 -10.44 3.73
CA PRO A 29 28.47 -11.07 2.99
C PRO A 29 27.26 -10.18 2.82
N HIS A 30 27.13 -9.10 3.58
CA HIS A 30 25.94 -8.26 3.57
C HIS A 30 26.12 -6.98 2.75
N VAL A 31 27.13 -6.93 1.88
CA VAL A 31 27.31 -5.86 0.90
C VAL A 31 27.46 -6.51 -0.47
N SER A 32 26.72 -6.03 -1.45
CA SER A 32 26.92 -6.53 -2.81
C SER A 32 26.96 -5.41 -3.82
N THR A 33 27.97 -5.44 -4.70
CA THR A 33 28.04 -4.59 -5.88
C THR A 33 27.83 -5.39 -7.17
N ALA A 34 27.37 -6.63 -7.07
CA ALA A 34 27.14 -7.45 -8.25
C ALA A 34 25.95 -6.95 -9.05
N SER A 35 26.11 -6.92 -10.38
CA SER A 35 25.09 -6.33 -11.25
C SER A 35 23.74 -7.00 -11.08
N ALA A 36 23.71 -8.34 -11.01
CA ALA A 36 22.42 -9.02 -10.92
C ALA A 36 21.71 -8.70 -9.61
N VAL A 37 22.46 -8.63 -8.52
CA VAL A 37 21.88 -8.33 -7.21
C VAL A 37 21.36 -6.90 -7.19
N ARG A 38 22.12 -5.97 -7.76
CA ARG A 38 21.65 -4.60 -7.86
C ARG A 38 20.41 -4.47 -8.74
N GLU A 39 20.38 -5.20 -9.87
CA GLU A 39 19.22 -5.10 -10.75
C GLU A 39 17.96 -5.60 -10.04
N GLN A 40 18.08 -6.65 -9.23
CA GLN A 40 16.93 -7.17 -8.49
C GLN A 40 16.39 -6.17 -7.49
N HIS A 41 17.21 -5.21 -7.07
CA HIS A 41 16.81 -4.20 -6.09
C HIS A 41 16.59 -2.85 -6.75
N GLY A 42 16.55 -2.79 -8.08
CA GLY A 42 16.38 -1.53 -8.79
C GLY A 42 14.97 -1.26 -9.27
N HIS A 43 14.01 -2.10 -8.90
CA HIS A 43 12.65 -1.98 -9.40
C HIS A 43 11.71 -2.53 -8.36
N ASP A 44 10.43 -2.21 -8.52
CA ASP A 44 9.41 -2.84 -7.68
C ASP A 44 8.43 -3.55 -8.58
N GLU A 45 7.15 -3.62 -8.20
CA GLU A 45 6.18 -4.29 -9.03
C GLU A 45 5.59 -3.37 -10.11
N SER A 46 5.99 -2.09 -10.13
CA SER A 46 5.52 -1.12 -11.11
C SER A 46 6.26 -1.27 -12.43
N MET A 47 5.71 -0.61 -13.46
CA MET A 47 6.33 -0.57 -14.78
C MET A 47 7.51 0.39 -14.87
N HIS A 48 7.82 1.13 -13.79
CA HIS A 48 8.91 2.10 -13.84
C HIS A 48 10.24 1.38 -14.14
N ARG A 49 11.00 1.92 -15.09
CA ARG A 49 12.25 1.31 -15.53
C ARG A 49 13.18 1.00 -14.36
N CYS A 50 13.71 -0.23 -14.36
CA CYS A 50 14.71 -0.65 -13.40
C CYS A 50 15.90 0.30 -13.43
N GLN A 51 16.25 0.85 -12.26
CA GLN A 51 17.40 1.75 -12.12
C GLN A 51 18.21 1.18 -10.96
N PRO A 52 19.23 0.38 -11.25
CA PRO A 52 19.93 -0.36 -10.20
C PRO A 52 20.72 0.57 -9.30
N PRO A 53 20.67 0.35 -8.00
CA PRO A 53 21.59 1.05 -7.10
C PRO A 53 23.01 0.63 -7.39
N ASP A 54 23.95 1.41 -6.88
CA ASP A 54 25.37 1.07 -7.01
C ASP A 54 25.81 -0.03 -6.06
N ALA A 55 25.08 -0.23 -4.96
CA ALA A 55 25.34 -1.33 -4.04
C ALA A 55 24.06 -1.65 -3.30
N VAL A 56 23.99 -2.88 -2.79
CA VAL A 56 22.92 -3.30 -1.88
C VAL A 56 23.56 -3.71 -0.57
N VAL A 57 22.99 -3.25 0.55
CA VAL A 57 23.53 -3.50 1.88
C VAL A 57 22.41 -4.02 2.76
N TRP A 58 22.70 -5.07 3.55
CA TRP A 58 21.74 -5.66 4.48
C TRP A 58 22.20 -5.43 5.92
N PRO A 59 21.81 -4.35 6.57
CA PRO A 59 22.19 -4.19 7.98
C PRO A 59 21.51 -5.21 8.87
N GLN A 60 22.22 -5.59 9.93
CA GLN A 60 21.77 -6.66 10.82
C GLN A 60 21.14 -6.14 12.11
N ASN A 61 21.30 -4.86 12.42
CA ASN A 61 20.68 -4.27 13.60
C ASN A 61 20.64 -2.76 13.40
N VAL A 62 19.96 -2.07 14.33
CA VAL A 62 19.73 -0.64 14.16
C VAL A 62 21.04 0.14 14.21
N ASP A 63 22.00 -0.31 15.03
CA ASP A 63 23.29 0.39 15.06
C ASP A 63 23.94 0.38 13.69
N GLN A 64 23.85 -0.76 12.99
CA GLN A 64 24.38 -0.83 11.63
C GLN A 64 23.58 0.04 10.66
N VAL A 65 22.25 0.11 10.81
CA VAL A 65 21.50 1.02 9.93
C VAL A 65 22.00 2.44 10.11
N SER A 66 22.18 2.84 11.37
CA SER A 66 22.65 4.20 11.66
C SER A 66 24.02 4.46 11.07
N ARG A 67 24.93 3.49 11.18
CA ARG A 67 26.28 3.71 10.66
C ARG A 67 26.34 3.67 9.14
N VAL A 68 25.52 2.84 8.50
CA VAL A 68 25.45 2.88 7.05
C VAL A 68 24.89 4.22 6.59
N ALA A 69 23.82 4.69 7.23
CA ALA A 69 23.25 5.95 6.81
C ALA A 69 24.25 7.09 6.98
N SER A 70 24.93 7.13 8.12
CA SER A 70 25.89 8.20 8.35
C SER A 70 27.02 8.16 7.35
N LEU A 71 27.49 6.96 7.01
CA LEU A 71 28.55 6.82 6.01
C LEU A 71 28.10 7.35 4.65
N CYS A 72 26.91 6.94 4.21
CA CYS A 72 26.40 7.40 2.92
C CYS A 72 26.16 8.90 2.94
N TYR A 73 25.50 9.38 3.99
CA TYR A 73 25.07 10.76 4.03
C TYR A 73 26.28 11.69 3.96
N ASN A 74 27.30 11.41 4.77
CA ASN A 74 28.45 12.29 4.81
C ASN A 74 29.33 12.19 3.58
N GLN A 75 29.22 11.09 2.83
CA GLN A 75 29.97 10.97 1.59
C GLN A 75 29.17 11.41 0.37
N GLY A 76 27.95 11.90 0.55
CA GLY A 76 27.19 12.35 -0.60
C GLY A 76 26.62 11.24 -1.46
N VAL A 77 26.33 10.09 -0.85
CA VAL A 77 25.85 8.91 -1.55
C VAL A 77 24.36 8.73 -1.24
N PRO A 78 23.48 8.68 -2.25
CA PRO A 78 22.05 8.47 -1.97
C PRO A 78 21.78 7.16 -1.25
N ILE A 79 20.71 7.20 -0.47
CA ILE A 79 20.23 6.06 0.32
C ILE A 79 18.84 5.71 -0.17
N ILE A 80 18.61 4.43 -0.45
CA ILE A 80 17.27 3.99 -0.87
C ILE A 80 16.81 2.89 0.06
N PRO A 81 15.86 3.15 0.97
CA PRO A 81 15.36 2.06 1.84
C PRO A 81 14.59 1.07 0.99
N PHE A 82 14.74 -0.21 1.33
CA PHE A 82 14.14 -1.28 0.54
C PHE A 82 13.53 -2.27 1.52
N GLY A 83 12.23 -2.53 1.39
CA GLY A 83 11.58 -3.51 2.22
C GLY A 83 11.43 -4.81 1.46
N THR A 84 10.22 -5.09 1.00
CA THR A 84 9.97 -6.26 0.19
C THR A 84 9.84 -5.97 -1.30
N GLY A 85 10.01 -4.70 -1.71
CA GLY A 85 9.98 -4.33 -3.11
C GLY A 85 8.66 -4.59 -3.81
N THR A 86 7.55 -4.57 -3.06
CA THR A 86 6.22 -4.76 -3.65
C THR A 86 5.50 -3.45 -3.95
N GLY A 87 6.16 -2.31 -3.78
CA GLY A 87 5.50 -1.05 -4.08
C GLY A 87 5.18 -0.92 -5.56
N VAL A 88 4.32 0.05 -5.90
CA VAL A 88 3.92 0.17 -7.29
C VAL A 88 4.13 1.56 -7.87
N GLU A 89 4.97 2.39 -7.24
CA GLU A 89 5.25 3.70 -7.82
C GLU A 89 6.74 3.96 -7.99
N GLY A 90 7.57 2.92 -8.03
CA GLY A 90 8.98 3.14 -8.28
C GLY A 90 9.74 3.70 -7.10
N GLY A 91 9.21 3.51 -5.89
CA GLY A 91 9.88 4.07 -4.71
C GLY A 91 11.29 3.57 -4.53
N VAL A 92 11.58 2.33 -4.92
CA VAL A 92 12.92 1.80 -4.71
C VAL A 92 13.84 2.01 -5.91
N CYS A 93 13.34 2.58 -7.02
CA CYS A 93 14.20 2.80 -8.18
C CYS A 93 15.32 3.77 -7.83
N ALA A 94 16.56 3.39 -8.13
CA ALA A 94 17.69 4.23 -7.73
C ALA A 94 18.01 5.24 -8.83
N VAL A 95 17.15 6.27 -8.92
CA VAL A 95 17.23 7.21 -10.02
C VAL A 95 18.51 8.02 -10.01
N GLN A 96 19.18 8.15 -8.85
CA GLN A 96 20.46 8.82 -8.76
C GLN A 96 21.56 7.87 -8.27
N GLY A 97 21.38 6.56 -8.47
CA GLY A 97 22.30 5.57 -7.97
C GLY A 97 22.29 5.55 -6.44
N GLY A 98 23.40 5.12 -5.86
CA GLY A 98 23.57 5.12 -4.43
C GLY A 98 23.46 3.74 -3.83
N VAL A 99 23.18 3.70 -2.53
CA VAL A 99 23.18 2.48 -1.74
C VAL A 99 21.74 2.12 -1.40
N CYS A 100 21.30 0.94 -1.84
CA CYS A 100 20.01 0.36 -1.46
C CYS A 100 20.17 -0.39 -0.15
N ILE A 101 19.39 -0.02 0.86
CA ILE A 101 19.48 -0.64 2.17
C ILE A 101 18.31 -1.60 2.29
N ASN A 102 18.59 -2.88 2.11
CA ASN A 102 17.56 -3.91 2.30
C ASN A 102 17.45 -4.20 3.78
N LEU A 103 16.28 -3.95 4.35
CA LEU A 103 16.11 -3.97 5.80
C LEU A 103 15.58 -5.30 6.34
N THR A 104 15.43 -6.32 5.49
CA THR A 104 14.61 -7.46 5.89
C THR A 104 15.33 -8.49 6.75
N HIS A 105 16.64 -8.36 6.97
CA HIS A 105 17.25 -9.27 7.91
C HIS A 105 16.96 -8.92 9.37
N MET A 106 16.48 -7.70 9.65
CA MET A 106 15.95 -7.41 10.98
C MET A 106 14.50 -7.82 10.94
N ASP A 107 14.22 -9.01 11.49
CA ASP A 107 12.91 -9.63 11.29
C ASP A 107 12.27 -10.08 12.58
N GLN A 108 12.56 -9.42 13.69
CA GLN A 108 12.06 -9.83 15.00
C GLN A 108 10.78 -9.09 15.40
N ILE A 109 9.86 -9.85 15.99
CA ILE A 109 8.71 -9.28 16.70
C ILE A 109 9.08 -9.13 18.15
N THR A 110 8.82 -7.96 18.73
CA THR A 110 9.12 -7.72 20.13
C THR A 110 7.98 -6.97 20.80
N GLU A 111 8.12 -6.81 22.12
CA GLU A 111 7.20 -6.05 22.95
C GLU A 111 5.74 -6.37 22.62
N LEU A 112 5.43 -7.65 22.46
CA LEU A 112 4.03 -8.01 22.29
C LEU A 112 3.31 -7.75 23.60
N ASN A 113 2.34 -6.84 23.57
CA ASN A 113 1.55 -6.50 24.76
C ASN A 113 0.09 -6.81 24.42
N THR A 114 -0.31 -8.06 24.65
CA THR A 114 -1.68 -8.45 24.33
C THR A 114 -2.70 -7.84 25.27
N GLU A 115 -2.28 -7.30 26.42
CA GLU A 115 -3.23 -6.64 27.29
C GLU A 115 -3.50 -5.21 26.85
N ASP A 116 -2.54 -4.61 26.13
CA ASP A 116 -2.64 -3.25 25.61
C ASP A 116 -2.97 -3.22 24.13
N PHE A 117 -3.03 -4.38 23.49
CA PHE A 117 -3.29 -4.52 22.05
C PHE A 117 -2.22 -3.77 21.23
N SER A 118 -0.97 -4.12 21.50
CA SER A 118 0.12 -3.49 20.76
C SER A 118 1.28 -4.47 20.60
N VAL A 119 2.13 -4.20 19.59
CA VAL A 119 3.27 -5.03 19.29
C VAL A 119 4.28 -4.18 18.53
N VAL A 120 5.56 -4.55 18.60
CA VAL A 120 6.63 -3.87 17.87
C VAL A 120 7.21 -4.85 16.85
N VAL A 121 7.38 -4.40 15.60
CA VAL A 121 7.89 -5.25 14.52
C VAL A 121 9.05 -4.56 13.81
N GLU A 122 10.05 -5.35 13.42
CA GLU A 122 11.17 -4.90 12.59
C GLU A 122 10.83 -5.08 11.12
N PRO A 123 11.63 -4.51 10.20
CA PRO A 123 11.20 -4.45 8.79
C PRO A 123 11.04 -5.78 8.09
N GLY A 124 11.73 -6.82 8.55
CA GLY A 124 11.56 -8.13 7.93
C GLY A 124 10.28 -8.86 8.27
N VAL A 125 9.50 -8.33 9.21
CA VAL A 125 8.23 -8.95 9.60
C VAL A 125 7.16 -8.54 8.59
N THR A 126 6.49 -9.54 8.01
CA THR A 126 5.33 -9.31 7.16
C THR A 126 4.05 -9.49 7.97
N ARG A 127 2.92 -9.08 7.39
CA ARG A 127 1.65 -9.24 8.09
C ARG A 127 1.34 -10.72 8.35
N LYS A 128 1.63 -11.57 7.36
CA LYS A 128 1.51 -13.02 7.47
C LYS A 128 2.32 -13.55 8.65
N ALA A 129 3.58 -13.11 8.78
CA ALA A 129 4.39 -13.55 9.91
C ALA A 129 3.80 -13.09 11.23
N LEU A 130 3.34 -11.84 11.29
CA LEU A 130 2.81 -11.34 12.56
C LEU A 130 1.54 -12.08 12.93
N ASN A 131 0.64 -12.26 11.98
CA ASN A 131 -0.63 -12.90 12.31
C ASN A 131 -0.45 -14.38 12.63
N THR A 132 0.53 -15.03 12.01
CA THR A 132 0.89 -16.39 12.41
C THR A 132 1.40 -16.42 13.85
N HIS A 133 2.25 -15.46 14.21
CA HIS A 133 2.77 -15.40 15.57
C HIS A 133 1.66 -15.13 16.57
N LEU A 134 0.57 -14.51 16.13
CA LEU A 134 -0.54 -14.11 17.00
C LEU A 134 -1.69 -15.09 17.05
N ARG A 135 -1.72 -16.12 16.21
CA ARG A 135 -2.76 -17.13 16.36
C ARG A 135 -2.78 -17.70 17.78
N ASP A 136 -3.99 -17.99 18.25
CA ASP A 136 -4.27 -18.41 19.63
C ASP A 136 -4.14 -17.26 20.64
N SER A 137 -3.84 -16.04 20.20
CA SER A 137 -3.89 -14.90 21.12
C SER A 137 -5.25 -14.23 21.16
N GLY A 138 -6.09 -14.47 20.17
CA GLY A 138 -7.32 -13.74 20.03
C GLY A 138 -7.17 -12.36 19.42
N LEU A 139 -5.96 -12.00 19.01
CA LEU A 139 -5.66 -10.72 18.39
C LEU A 139 -5.15 -10.93 16.97
N TRP A 140 -5.27 -9.88 16.14
CA TRP A 140 -4.76 -9.94 14.79
C TRP A 140 -4.42 -8.53 14.33
N PHE A 141 -3.58 -8.44 13.30
CA PHE A 141 -3.31 -7.16 12.69
C PHE A 141 -4.08 -7.04 11.38
N PRO A 142 -4.95 -6.05 11.22
CA PRO A 142 -5.91 -6.07 10.10
C PRO A 142 -5.47 -5.47 8.77
N VAL A 143 -4.49 -4.55 8.73
CA VAL A 143 -4.25 -3.83 7.48
C VAL A 143 -3.61 -4.77 6.46
N ASP A 144 -4.31 -5.03 5.36
CA ASP A 144 -3.99 -6.17 4.48
C ASP A 144 -3.83 -5.82 3.00
N PRO A 145 -2.72 -5.20 2.62
CA PRO A 145 -2.34 -5.19 1.20
C PRO A 145 -2.27 -6.61 0.66
N GLY A 146 -2.53 -6.74 -0.64
CA GLY A 146 -2.53 -8.07 -1.24
C GLY A 146 -1.19 -8.75 -1.23
N ALA A 147 -0.11 -7.97 -1.23
CA ALA A 147 1.23 -8.53 -1.25
C ALA A 147 1.71 -8.84 0.16
N ASP A 148 2.60 -9.81 0.24
CA ASP A 148 3.26 -10.22 1.49
C ASP A 148 4.33 -9.17 1.80
N ALA A 149 3.87 -7.98 2.20
CA ALA A 149 4.76 -6.84 2.32
C ALA A 149 5.34 -6.66 3.73
N SER A 150 6.52 -6.07 3.78
CA SER A 150 7.11 -5.60 5.04
C SER A 150 6.15 -4.65 5.75
N LEU A 151 5.89 -4.89 7.04
CA LEU A 151 5.02 -3.99 7.79
C LEU A 151 5.63 -2.60 7.94
N CYS A 152 6.96 -2.50 8.05
CA CYS A 152 7.59 -1.17 8.08
C CYS A 152 7.51 -0.51 6.71
N GLY A 153 7.58 -1.30 5.63
CA GLY A 153 7.34 -0.73 4.31
C GLY A 153 5.92 -0.22 4.17
N MET A 154 4.97 -0.94 4.76
CA MET A 154 3.57 -0.50 4.75
C MET A 154 3.41 0.80 5.54
N ALA A 155 4.12 0.94 6.65
CA ALA A 155 4.11 2.22 7.35
C ALA A 155 4.72 3.31 6.49
N ALA A 156 5.79 2.99 5.76
CA ALA A 156 6.46 3.99 4.94
C ALA A 156 5.59 4.47 3.79
N THR A 157 4.78 3.58 3.19
CA THR A 157 3.93 4.02 2.09
C THR A 157 2.57 4.54 2.55
N GLY A 158 2.20 4.35 3.81
CA GLY A 158 0.86 4.71 4.25
C GLY A 158 -0.22 3.76 3.73
N ALA A 159 0.08 2.47 3.71
CA ALA A 159 -0.78 1.47 3.05
C ALA A 159 -2.17 1.35 3.70
N SER A 160 -3.09 0.79 2.93
CA SER A 160 -4.35 0.36 3.53
C SER A 160 -4.60 -1.05 2.98
N GLY A 161 -5.85 -1.46 2.94
CA GLY A 161 -6.15 -2.84 2.55
C GLY A 161 -7.65 -3.04 2.55
N THR A 162 -8.08 -4.28 2.30
CA THR A 162 -9.53 -4.53 2.30
C THR A 162 -10.17 -4.30 3.66
N ASN A 163 -9.42 -4.53 4.76
CA ASN A 163 -9.99 -4.37 6.09
C ASN A 163 -10.01 -2.92 6.58
N ALA A 164 -9.45 -1.97 5.82
CA ALA A 164 -9.30 -0.62 6.35
C ALA A 164 -10.65 0.08 6.55
N VAL A 165 -11.66 -0.26 5.74
CA VAL A 165 -12.96 0.37 5.88
C VAL A 165 -13.51 0.24 7.30
N ARG A 166 -13.19 -0.85 7.99
CA ARG A 166 -13.61 -1.03 9.37
C ARG A 166 -12.50 -0.80 10.38
N TYR A 167 -11.31 -1.28 10.10
CA TYR A 167 -10.24 -1.35 11.09
C TYR A 167 -9.15 -0.31 10.90
N GLY A 168 -9.22 0.52 9.87
CA GLY A 168 -8.30 1.63 9.71
C GLY A 168 -7.13 1.31 8.79
N THR A 169 -6.45 2.37 8.35
CA THR A 169 -5.27 2.27 7.49
C THR A 169 -4.01 2.13 8.37
N MET A 170 -2.83 2.09 7.75
CA MET A 170 -1.61 2.18 8.56
C MET A 170 -1.58 3.47 9.40
N ARG A 171 -2.06 4.58 8.85
CA ARG A 171 -2.04 5.83 9.62
C ARG A 171 -2.86 5.67 10.90
N ASP A 172 -3.96 4.91 10.83
CA ASP A 172 -4.79 4.70 12.00
C ASP A 172 -4.16 3.74 13.00
N ASN A 173 -3.29 2.84 12.54
CA ASN A 173 -2.84 1.73 13.36
C ASN A 173 -1.36 1.75 13.68
N VAL A 174 -0.64 2.80 13.28
CA VAL A 174 0.75 2.99 13.69
C VAL A 174 0.76 3.93 14.89
N ILE A 175 1.27 3.43 16.01
CA ILE A 175 1.27 4.15 17.28
C ILE A 175 2.63 4.74 17.60
N ASN A 176 3.69 4.26 16.97
CA ASN A 176 5.03 4.75 17.24
C ASN A 176 5.93 4.22 16.13
N LEU A 177 7.02 4.94 15.85
CA LEU A 177 7.98 4.49 14.84
C LEU A 177 9.38 4.72 15.38
N GLU A 178 10.27 3.77 15.10
CA GLU A 178 11.70 3.96 15.29
C GLU A 178 12.30 4.30 13.93
N VAL A 179 12.96 5.46 13.83
CA VAL A 179 13.41 5.97 12.53
C VAL A 179 14.89 6.33 12.66
N VAL A 180 15.70 5.81 11.75
CA VAL A 180 17.06 6.32 11.58
C VAL A 180 16.99 7.48 10.61
N LEU A 181 17.29 8.68 11.10
CA LEU A 181 17.25 9.86 10.24
C LEU A 181 18.41 9.82 9.24
N PRO A 182 18.34 10.64 8.19
CA PRO A 182 19.32 10.50 7.10
C PRO A 182 20.77 10.55 7.54
N ASP A 183 21.11 11.37 8.53
CA ASP A 183 22.48 11.44 8.99
C ASP A 183 22.82 10.43 10.07
N GLY A 184 21.92 9.47 10.35
CA GLY A 184 22.20 8.40 11.28
C GLY A 184 21.60 8.56 12.68
N ARG A 185 21.07 9.73 13.05
CA ARG A 185 20.50 9.87 14.37
C ARG A 185 19.27 8.97 14.53
N LEU A 186 19.03 8.50 15.75
CA LEU A 186 17.91 7.59 16.03
C LEU A 186 16.77 8.36 16.69
N LEU A 187 15.59 8.33 16.06
CA LEU A 187 14.39 8.99 16.56
C LEU A 187 13.34 7.96 16.88
N HIS A 188 12.74 8.05 18.06
CA HIS A 188 11.51 7.33 18.36
C HIS A 188 10.40 8.36 18.31
N THR A 189 9.52 8.27 17.30
CA THR A 189 8.68 9.42 16.97
C THR A 189 7.78 9.82 18.13
N ALA A 190 7.28 8.85 18.90
CA ALA A 190 6.44 9.16 20.07
C ALA A 190 7.16 8.90 21.39
N GLY A 191 8.47 8.68 21.33
CA GLY A 191 9.26 8.41 22.52
C GLY A 191 9.62 6.93 22.64
N ARG A 192 10.83 6.62 23.11
CA ARG A 192 11.28 5.23 23.11
C ARG A 192 10.42 4.39 24.04
N GLY A 193 9.88 3.31 23.49
CA GLY A 193 9.11 2.36 24.28
C GLY A 193 7.68 2.76 24.53
N ARG A 194 7.22 3.89 24.03
CA ARG A 194 5.89 4.40 24.39
C ARG A 194 4.80 3.78 23.52
N HIS A 195 3.65 3.58 24.13
CA HIS A 195 2.50 3.08 23.39
C HIS A 195 1.27 3.45 24.19
N TYR A 196 0.29 4.04 23.51
CA TYR A 196 -0.88 4.55 24.20
C TYR A 196 -1.96 4.79 23.16
N ARG A 197 -3.16 5.13 23.64
CA ARG A 197 -4.30 5.24 22.74
C ARG A 197 -4.41 6.64 22.14
N LYS A 198 -3.96 7.67 22.85
CA LYS A 198 -4.05 9.04 22.35
C LYS A 198 -3.04 9.92 23.06
N SER A 199 -2.62 11.02 22.40
CA SER A 199 -1.70 11.96 23.02
C SER A 199 -1.83 13.32 22.35
N ALA A 200 -1.70 14.37 23.15
CA ALA A 200 -1.55 15.74 22.69
C ALA A 200 -0.16 16.31 22.99
N ALA A 201 0.84 15.45 23.21
CA ALA A 201 2.14 15.90 23.71
C ALA A 201 3.03 16.37 22.57
N GLY A 202 3.16 17.69 22.42
CA GLY A 202 4.01 18.20 21.36
C GLY A 202 3.35 18.03 19.99
N TYR A 203 4.18 18.08 18.96
CA TYR A 203 3.71 17.82 17.60
C TYR A 203 3.78 16.33 17.32
N ASN A 204 2.78 15.83 16.58
CA ASN A 204 2.71 14.40 16.34
C ASN A 204 3.70 14.04 15.25
N LEU A 205 4.86 13.52 15.64
CA LEU A 205 5.87 13.14 14.66
C LEU A 205 5.57 11.81 13.99
N THR A 206 4.81 10.93 14.65
CA THR A 206 4.55 9.64 14.05
C THR A 206 3.84 9.79 12.71
N GLY A 207 2.84 10.68 12.65
CA GLY A 207 2.09 10.82 11.41
C GLY A 207 2.87 11.44 10.28
N LEU A 208 3.92 12.19 10.60
CA LEU A 208 4.78 12.74 9.55
C LEU A 208 5.55 11.63 8.83
N PHE A 209 5.97 10.60 9.56
CA PHE A 209 6.79 9.59 8.93
C PHE A 209 5.97 8.48 8.28
N VAL A 210 4.72 8.30 8.70
CA VAL A 210 3.85 7.40 7.96
C VAL A 210 3.56 8.02 6.61
N GLY A 211 3.77 7.26 5.54
CA GLY A 211 3.56 7.79 4.20
C GLY A 211 4.68 8.67 3.68
N SER A 212 5.87 8.58 4.29
CA SER A 212 7.02 9.37 3.85
C SER A 212 7.86 8.65 2.79
N GLU A 213 7.61 7.35 2.57
CA GLU A 213 8.15 6.61 1.42
C GLU A 213 9.68 6.55 1.43
N GLY A 214 10.29 6.64 2.59
CA GLY A 214 11.74 6.56 2.63
C GLY A 214 12.47 7.83 2.27
N THR A 215 11.76 8.96 2.18
CA THR A 215 12.39 10.23 1.86
C THR A 215 12.70 11.08 3.08
N LEU A 216 12.25 10.66 4.28
CA LEU A 216 12.55 11.40 5.50
C LEU A 216 13.39 10.61 6.49
N GLY A 217 13.65 9.34 6.22
CA GLY A 217 14.37 8.51 7.17
C GLY A 217 14.00 7.05 6.95
N ILE A 218 14.69 6.20 7.72
CA ILE A 218 14.58 4.76 7.58
C ILE A 218 13.83 4.20 8.77
N ILE A 219 12.67 3.59 8.54
CA ILE A 219 11.90 3.01 9.63
C ILE A 219 12.51 1.68 10.01
N THR A 220 13.00 1.57 11.26
CA THR A 220 13.61 0.33 11.69
C THR A 220 12.75 -0.43 12.70
N SER A 221 11.68 0.19 13.24
CA SER A 221 10.63 -0.64 13.83
C SER A 221 9.35 0.16 13.79
N THR A 222 8.23 -0.54 13.87
CA THR A 222 6.91 0.06 13.91
C THR A 222 6.15 -0.52 15.10
N THR A 223 5.53 0.35 15.91
CA THR A 223 4.62 -0.10 16.96
C THR A 223 3.21 -0.08 16.40
N LEU A 224 2.54 -1.24 16.40
CA LEU A 224 1.28 -1.43 15.70
C LEU A 224 0.16 -1.66 16.69
N ARG A 225 -1.01 -1.12 16.37
CA ARG A 225 -2.24 -1.44 17.08
C ARG A 225 -2.76 -2.80 16.64
N LEU A 226 -3.03 -3.69 17.60
CA LEU A 226 -3.69 -4.96 17.34
C LEU A 226 -5.17 -4.86 17.65
N HIS A 227 -5.93 -5.78 17.05
CA HIS A 227 -7.39 -5.76 17.18
C HIS A 227 -7.89 -7.13 17.62
N PRO A 228 -9.01 -7.17 18.35
CA PRO A 228 -9.62 -8.45 18.71
C PRO A 228 -10.15 -9.18 17.48
N ALA A 229 -9.93 -10.48 17.44
CA ALA A 229 -10.49 -11.27 16.35
C ALA A 229 -12.01 -11.23 16.45
N PRO A 230 -12.72 -11.21 15.33
CA PRO A 230 -14.17 -11.11 15.37
C PRO A 230 -14.78 -12.37 15.95
N GLU A 231 -15.89 -12.20 16.67
CA GLU A 231 -16.60 -13.33 17.25
C GLU A 231 -17.05 -14.30 16.17
N ALA A 232 -17.58 -13.78 15.07
CA ALA A 232 -18.04 -14.60 13.96
C ALA A 232 -17.86 -13.79 12.68
N THR A 233 -17.68 -14.49 11.57
CA THR A 233 -17.38 -13.90 10.28
C THR A 233 -18.26 -14.52 9.22
N VAL A 234 -18.76 -13.71 8.30
CA VAL A 234 -19.48 -14.19 7.12
C VAL A 234 -18.97 -13.41 5.92
N ALA A 235 -18.63 -14.10 4.84
CA ALA A 235 -18.24 -13.44 3.61
C ALA A 235 -19.19 -13.84 2.50
N ALA A 236 -19.28 -13.01 1.47
CA ALA A 236 -20.21 -13.33 0.39
C ALA A 236 -19.79 -12.55 -0.84
N THR A 237 -20.31 -12.95 -1.99
CA THR A 237 -20.17 -12.13 -3.19
C THR A 237 -21.54 -11.78 -3.73
N CYS A 238 -21.62 -10.64 -4.41
CA CYS A 238 -22.89 -10.14 -4.93
C CYS A 238 -22.65 -9.58 -6.32
N ALA A 239 -23.37 -10.13 -7.31
CA ALA A 239 -23.20 -9.73 -8.70
C ALA A 239 -24.26 -8.71 -9.09
N PHE A 240 -23.86 -7.72 -9.89
CA PHE A 240 -24.72 -6.61 -10.24
C PHE A 240 -24.86 -6.49 -11.75
N PRO A 241 -25.94 -5.85 -12.21
CA PRO A 241 -26.12 -5.65 -13.67
C PRO A 241 -25.22 -4.60 -14.26
N SER A 242 -24.65 -3.70 -13.46
CA SER A 242 -23.87 -2.60 -13.99
C SER A 242 -22.92 -2.11 -12.92
N VAL A 243 -21.89 -1.40 -13.37
CA VAL A 243 -20.98 -0.71 -12.45
C VAL A 243 -21.78 0.28 -11.60
N GLN A 244 -22.64 1.07 -12.24
CA GLN A 244 -23.46 2.03 -11.50
C GLN A 244 -24.20 1.37 -10.34
N ALA A 245 -24.82 0.20 -10.60
CA ALA A 245 -25.59 -0.45 -9.55
C ALA A 245 -24.72 -0.90 -8.39
N ALA A 246 -23.52 -1.41 -8.69
CA ALA A 246 -22.63 -1.89 -7.64
C ALA A 246 -22.12 -0.75 -6.77
N VAL A 247 -21.80 0.38 -7.41
CA VAL A 247 -21.22 1.50 -6.66
C VAL A 247 -22.30 2.26 -5.92
N ASP A 248 -23.49 2.37 -6.52
CA ASP A 248 -24.61 2.95 -5.80
C ASP A 248 -24.91 2.15 -4.54
N SER A 249 -24.87 0.82 -4.63
CA SER A 249 -25.06 0.00 -3.44
C SER A 249 -24.00 0.30 -2.39
N THR A 250 -22.74 0.39 -2.82
CA THR A 250 -21.65 0.68 -1.90
C THR A 250 -21.91 1.99 -1.16
N VAL A 251 -22.21 3.05 -1.90
CA VAL A 251 -22.44 4.35 -1.27
C VAL A 251 -23.59 4.27 -0.28
N GLN A 252 -24.66 3.56 -0.64
CA GLN A 252 -25.83 3.50 0.23
C GLN A 252 -25.56 2.64 1.46
N ILE A 253 -24.74 1.60 1.33
CA ILE A 253 -24.34 0.81 2.50
C ILE A 253 -23.55 1.69 3.47
N LEU A 254 -22.63 2.50 2.95
CA LEU A 254 -21.85 3.38 3.83
C LEU A 254 -22.72 4.45 4.46
N GLN A 255 -23.65 5.01 3.69
CA GLN A 255 -24.50 6.07 4.24
C GLN A 255 -25.49 5.52 5.25
N ALA A 256 -25.83 4.24 5.13
CA ALA A 256 -26.65 3.58 6.13
C ALA A 256 -25.86 3.17 7.37
N ALA A 257 -24.55 3.41 7.36
CA ALA A 257 -23.67 3.14 8.50
C ALA A 257 -23.63 1.67 8.86
N VAL A 258 -23.78 0.77 7.89
CA VAL A 258 -23.56 -0.64 8.17
C VAL A 258 -22.07 -0.83 8.40
N PRO A 259 -21.65 -1.38 9.55
CA PRO A 259 -20.21 -1.51 9.84
C PRO A 259 -19.57 -2.70 9.15
N VAL A 260 -19.65 -2.73 7.81
CA VAL A 260 -19.07 -3.84 7.05
C VAL A 260 -17.58 -3.94 7.33
N ALA A 261 -17.06 -5.17 7.36
CA ALA A 261 -15.64 -5.36 7.61
C ALA A 261 -14.84 -5.22 6.32
N ARG A 262 -15.43 -5.61 5.21
CA ARG A 262 -14.79 -5.62 3.90
C ARG A 262 -15.84 -5.31 2.86
N ILE A 263 -15.55 -4.40 1.93
CA ILE A 263 -16.45 -4.18 0.81
C ILE A 263 -15.59 -3.80 -0.40
N GLU A 264 -15.41 -4.77 -1.30
CA GLU A 264 -14.46 -4.67 -2.39
C GLU A 264 -15.17 -4.78 -3.72
N PHE A 265 -14.81 -3.89 -4.66
CA PHE A 265 -15.42 -3.88 -5.98
C PHE A 265 -14.47 -4.51 -7.00
N LEU A 266 -15.05 -5.34 -7.89
CA LEU A 266 -14.38 -5.83 -9.08
C LEU A 266 -15.30 -5.56 -10.26
N ASP A 267 -14.77 -4.94 -11.33
CA ASP A 267 -15.60 -4.87 -12.52
C ASP A 267 -15.60 -6.22 -13.22
N ASP A 268 -16.36 -6.32 -14.31
CA ASP A 268 -16.49 -7.62 -14.98
C ASP A 268 -15.15 -8.11 -15.51
N VAL A 269 -14.31 -7.19 -16.02
CA VAL A 269 -12.99 -7.59 -16.53
C VAL A 269 -12.16 -8.19 -15.40
N MET A 270 -12.15 -7.52 -14.23
CA MET A 270 -11.40 -8.02 -13.08
C MET A 270 -11.99 -9.31 -12.54
N MET A 271 -13.33 -9.41 -12.50
CA MET A 271 -13.95 -10.66 -12.05
C MET A 271 -13.49 -11.83 -12.91
N ASP A 272 -13.55 -11.65 -14.23
CA ASP A 272 -13.12 -12.70 -15.14
C ASP A 272 -11.65 -13.01 -14.97
N ALA A 273 -10.81 -11.98 -14.84
CA ALA A 273 -9.39 -12.22 -14.64
C ALA A 273 -9.15 -13.03 -13.37
N CYS A 274 -9.83 -12.67 -12.28
CA CYS A 274 -9.64 -13.41 -11.03
C CYS A 274 -10.16 -14.84 -11.14
N ASN A 275 -11.29 -15.03 -11.84
CA ASN A 275 -11.79 -16.38 -12.10
C ASN A 275 -10.73 -17.24 -12.73
N ARG A 276 -10.08 -16.72 -13.77
CA ARG A 276 -9.09 -17.49 -14.52
C ARG A 276 -7.81 -17.71 -13.73
N HIS A 277 -7.52 -16.87 -12.74
CA HIS A 277 -6.26 -16.93 -12.03
C HIS A 277 -6.37 -17.65 -10.69
N SER A 278 -7.59 -17.95 -10.24
CA SER A 278 -7.80 -18.51 -8.91
C SER A 278 -8.73 -19.69 -8.89
N LYS A 279 -9.39 -20.01 -10.00
CA LYS A 279 -10.39 -21.06 -10.03
C LYS A 279 -11.52 -20.76 -9.02
N LEU A 280 -11.78 -19.47 -8.75
CA LEU A 280 -13.15 -19.05 -8.48
C LEU A 280 -13.95 -19.18 -9.77
N ASN A 281 -15.26 -19.29 -9.62
CA ASN A 281 -16.19 -19.36 -10.76
C ASN A 281 -17.34 -18.40 -10.56
N CYS A 282 -17.03 -17.16 -10.20
CA CYS A 282 -18.10 -16.20 -9.99
C CYS A 282 -18.71 -15.79 -11.32
N PRO A 283 -20.00 -15.46 -11.33
CA PRO A 283 -20.59 -14.86 -12.53
C PRO A 283 -19.76 -13.66 -12.98
N VAL A 284 -19.49 -13.58 -14.27
CA VAL A 284 -18.67 -12.50 -14.82
C VAL A 284 -19.55 -11.26 -14.92
N ALA A 285 -19.37 -10.34 -13.97
CA ALA A 285 -20.24 -9.20 -13.77
C ALA A 285 -19.53 -8.25 -12.80
N PRO A 286 -19.90 -6.98 -12.78
CA PRO A 286 -19.43 -6.11 -11.69
C PRO A 286 -19.93 -6.65 -10.36
N THR A 287 -19.00 -6.84 -9.42
CA THR A 287 -19.24 -7.67 -8.27
C THR A 287 -18.73 -6.98 -7.01
N LEU A 288 -19.44 -7.16 -5.90
CA LEU A 288 -18.91 -6.81 -4.59
C LEU A 288 -18.51 -8.08 -3.84
N PHE A 289 -17.29 -8.08 -3.30
CA PHE A 289 -16.90 -9.04 -2.28
C PHE A 289 -17.16 -8.39 -0.91
N LEU A 290 -17.90 -9.06 -0.04
CA LEU A 290 -18.29 -8.48 1.23
C LEU A 290 -17.87 -9.38 2.38
N GLU A 291 -17.56 -8.77 3.52
CA GLU A 291 -17.35 -9.54 4.74
C GLU A 291 -17.93 -8.78 5.92
N PHE A 292 -18.54 -9.54 6.84
CA PHE A 292 -19.23 -8.99 8.00
C PHE A 292 -18.67 -9.66 9.25
N HIS A 293 -18.43 -8.86 10.27
CA HIS A 293 -17.93 -9.30 11.57
C HIS A 293 -18.93 -8.95 12.65
N GLY A 294 -19.17 -9.89 13.56
CA GLY A 294 -19.94 -9.60 14.75
C GLY A 294 -20.38 -10.88 15.43
N SER A 295 -21.35 -10.73 16.33
CA SER A 295 -21.99 -11.89 16.91
C SER A 295 -23.06 -12.40 15.95
N GLN A 296 -23.67 -13.54 16.30
CA GLN A 296 -24.74 -14.07 15.46
C GLN A 296 -25.89 -13.07 15.32
N GLN A 297 -26.22 -12.35 16.40
CA GLN A 297 -27.29 -11.37 16.33
C GLN A 297 -26.92 -10.18 15.47
N THR A 298 -25.69 -9.65 15.62
CA THR A 298 -25.29 -8.49 14.85
C THR A 298 -25.19 -8.83 13.36
N LEU A 299 -24.60 -9.99 13.05
CA LEU A 299 -24.46 -10.39 11.65
C LEU A 299 -25.81 -10.46 10.98
N ALA A 300 -26.80 -11.04 11.65
CA ALA A 300 -28.12 -11.20 11.05
C ALA A 300 -28.70 -9.86 10.62
N GLU A 301 -28.59 -8.83 11.47
CA GLU A 301 -29.19 -7.58 11.02
C GLU A 301 -28.29 -6.83 10.05
N GLN A 302 -26.96 -6.88 10.22
CA GLN A 302 -26.10 -6.31 9.17
C GLN A 302 -26.44 -6.93 7.83
N LEU A 303 -26.54 -8.26 7.80
CA LEU A 303 -26.88 -8.95 6.55
C LEU A 303 -28.23 -8.50 6.01
N GLN A 304 -29.25 -8.43 6.88
CA GLN A 304 -30.57 -8.02 6.40
C GLN A 304 -30.52 -6.61 5.81
N ARG A 305 -29.88 -5.67 6.51
CA ARG A 305 -29.86 -4.29 6.02
C ARG A 305 -29.02 -4.17 4.75
N THR A 306 -27.95 -4.97 4.63
CA THR A 306 -27.10 -4.87 3.45
C THR A 306 -27.73 -5.57 2.25
N GLU A 307 -28.36 -6.74 2.44
CA GLU A 307 -29.06 -7.35 1.31
C GLU A 307 -30.24 -6.50 0.84
N ALA A 308 -30.92 -5.79 1.75
CA ALA A 308 -31.99 -4.91 1.30
C ALA A 308 -31.47 -3.83 0.35
N ILE A 309 -30.30 -3.25 0.68
CA ILE A 309 -29.75 -2.20 -0.17
C ILE A 309 -29.28 -2.77 -1.50
N THR A 310 -28.53 -3.87 -1.48
CA THR A 310 -28.05 -4.42 -2.75
C THR A 310 -29.23 -4.86 -3.62
N GLN A 311 -30.26 -5.44 -3.01
CA GLN A 311 -31.46 -5.82 -3.77
C GLN A 311 -32.09 -4.62 -4.48
N ASP A 312 -32.16 -3.47 -3.81
CA ASP A 312 -32.71 -2.26 -4.42
C ASP A 312 -31.98 -1.88 -5.71
N ASN A 313 -30.71 -2.26 -5.82
CA ASN A 313 -29.90 -1.90 -6.97
C ASN A 313 -29.63 -3.09 -7.87
N GLY A 314 -30.42 -4.14 -7.77
CA GLY A 314 -30.31 -5.26 -8.68
C GLY A 314 -29.28 -6.30 -8.30
N GLY A 315 -28.74 -6.24 -7.10
CA GLY A 315 -27.75 -7.23 -6.70
C GLY A 315 -28.37 -8.61 -6.58
N SER A 316 -27.54 -9.61 -6.86
CA SER A 316 -27.93 -11.00 -6.71
C SER A 316 -28.11 -11.35 -5.23
N HIS A 317 -28.81 -12.44 -4.99
CA HIS A 317 -28.77 -13.02 -3.66
C HIS A 317 -27.32 -13.36 -3.33
N PHE A 318 -26.94 -13.15 -2.07
CA PHE A 318 -25.54 -13.32 -1.69
C PHE A 318 -25.08 -14.75 -1.93
N SER A 319 -23.94 -14.89 -2.60
CA SER A 319 -23.26 -16.18 -2.74
C SER A 319 -22.31 -16.34 -1.56
N TRP A 320 -22.65 -17.24 -0.64
CA TRP A 320 -21.98 -17.26 0.65
C TRP A 320 -20.67 -18.01 0.58
N ALA A 321 -19.73 -17.59 1.44
CA ALA A 321 -18.53 -18.35 1.77
C ALA A 321 -18.46 -18.38 3.30
N ALA A 324 -14.12 -21.85 6.85
CA ALA A 324 -13.00 -20.92 6.78
C ALA A 324 -12.29 -20.98 5.44
N GLU A 325 -12.29 -22.15 4.81
CA GLU A 325 -11.40 -22.33 3.68
C GLU A 325 -11.95 -21.68 2.41
N LYS A 326 -13.27 -21.64 2.24
CA LYS A 326 -13.81 -20.95 1.07
C LYS A 326 -13.67 -19.44 1.20
N ARG A 327 -13.75 -18.90 2.41
CA ARG A 327 -13.46 -17.48 2.57
C ARG A 327 -11.99 -17.20 2.27
N ASN A 328 -11.09 -18.08 2.73
CA ASN A 328 -9.68 -17.89 2.41
C ASN A 328 -9.43 -17.86 0.91
N GLU A 329 -10.10 -18.72 0.14
CA GLU A 329 -9.91 -18.71 -1.31
C GLU A 329 -10.48 -17.43 -1.93
N LEU A 330 -11.61 -16.97 -1.41
CA LEU A 330 -12.20 -15.71 -1.87
C LEU A 330 -11.22 -14.56 -1.74
N TRP A 331 -10.70 -14.35 -0.52
CA TRP A 331 -9.84 -13.20 -0.29
C TRP A 331 -8.44 -13.41 -0.86
N ALA A 332 -7.98 -14.65 -1.01
CA ALA A 332 -6.71 -14.85 -1.70
C ALA A 332 -6.82 -14.41 -3.15
N ALA A 333 -7.95 -14.73 -3.81
CA ALA A 333 -8.19 -14.27 -5.17
C ALA A 333 -8.19 -12.75 -5.24
N ARG A 334 -8.88 -12.10 -4.31
CA ARG A 334 -8.91 -10.64 -4.29
C ARG A 334 -7.50 -10.08 -4.09
N HIS A 335 -6.76 -10.66 -3.13
CA HIS A 335 -5.41 -10.14 -2.84
C HIS A 335 -4.49 -10.30 -4.04
N ASN A 336 -4.74 -11.29 -4.90
CA ASN A 336 -3.90 -11.53 -6.07
C ASN A 336 -4.46 -10.89 -7.34
N ALA A 337 -5.43 -9.99 -7.21
CA ALA A 337 -6.03 -9.35 -8.38
C ALA A 337 -4.99 -8.71 -9.29
N TRP A 338 -3.96 -8.09 -8.71
CA TRP A 338 -2.91 -7.49 -9.52
C TRP A 338 -2.30 -8.51 -10.46
N TYR A 339 -1.96 -9.69 -9.93
CA TYR A 339 -1.34 -10.73 -10.76
C TYR A 339 -2.35 -11.36 -11.71
N ALA A 340 -3.62 -11.44 -11.29
CA ALA A 340 -4.66 -11.92 -12.18
C ALA A 340 -4.79 -11.02 -13.40
N ALA A 341 -4.70 -9.70 -13.19
CA ALA A 341 -4.76 -8.76 -14.29
C ALA A 341 -3.52 -8.87 -15.18
N LEU A 342 -2.35 -9.13 -14.57
CA LEU A 342 -1.15 -9.19 -15.39
C LEU A 342 -1.19 -10.42 -16.27
N ALA A 343 -1.83 -11.50 -15.78
CA ALA A 343 -1.89 -12.77 -16.48
C ALA A 343 -2.82 -12.75 -17.69
N LEU A 344 -3.59 -11.68 -17.88
CA LEU A 344 -4.44 -11.58 -19.06
C LEU A 344 -3.61 -11.52 -20.33
N SER A 345 -2.58 -10.66 -20.33
CA SER A 345 -1.61 -10.57 -21.42
C SER A 345 -0.24 -10.93 -20.87
N PRO A 346 0.16 -12.20 -20.94
CA PRO A 346 1.44 -12.59 -20.36
C PRO A 346 2.60 -11.83 -21.00
N GLY A 347 3.61 -11.56 -20.18
CA GLY A 347 4.73 -10.73 -20.57
C GLY A 347 4.51 -9.24 -20.36
N SER A 348 3.30 -8.83 -20.01
CA SER A 348 3.02 -7.42 -19.82
C SER A 348 3.39 -6.98 -18.40
N LYS A 349 3.73 -5.71 -18.28
CA LYS A 349 3.78 -5.01 -17.00
C LYS A 349 2.52 -4.18 -16.88
N ALA A 350 2.40 -3.39 -15.81
CA ALA A 350 1.18 -2.62 -15.69
C ALA A 350 1.42 -1.41 -14.82
N TYR A 351 0.61 -0.38 -15.04
CA TYR A 351 0.53 0.75 -14.14
C TYR A 351 -0.84 0.71 -13.47
N SER A 352 -0.90 1.22 -12.25
CA SER A 352 -2.13 1.27 -11.47
C SER A 352 -2.41 2.71 -11.05
N THR A 353 -3.65 3.14 -11.22
CA THR A 353 -4.13 4.35 -10.56
C THR A 353 -4.64 3.99 -9.17
N ASP A 354 -4.99 5.02 -8.39
CA ASP A 354 -5.29 4.82 -6.98
C ASP A 354 -6.09 5.98 -6.39
N VAL A 355 -6.97 6.60 -7.17
CA VAL A 355 -7.61 7.82 -6.66
C VAL A 355 -8.56 7.49 -5.52
N CYS A 356 -8.83 8.49 -4.71
CA CYS A 356 -9.80 8.37 -3.63
C CYS A 356 -10.61 9.66 -3.61
N VAL A 357 -11.93 9.56 -3.68
CA VAL A 357 -12.81 10.72 -3.82
C VAL A 357 -13.81 10.69 -2.67
N PRO A 358 -14.45 11.83 -2.39
CA PRO A 358 -15.60 11.82 -1.47
C PRO A 358 -16.61 10.78 -1.95
N ILE A 359 -17.17 10.00 -1.01
CA ILE A 359 -17.90 8.81 -1.44
C ILE A 359 -19.08 9.14 -2.33
N SER A 360 -19.72 10.29 -2.13
CA SER A 360 -20.86 10.59 -2.97
C SER A 360 -20.48 10.79 -4.43
N ARG A 361 -19.21 11.13 -4.72
CA ARG A 361 -18.75 11.27 -6.09
C ARG A 361 -18.19 9.99 -6.68
N LEU A 362 -18.16 8.90 -5.90
CA LEU A 362 -17.57 7.65 -6.37
C LEU A 362 -18.34 7.04 -7.54
N PRO A 363 -19.68 7.03 -7.54
CA PRO A 363 -20.37 6.53 -8.74
C PRO A 363 -19.99 7.27 -10.00
N GLU A 364 -19.96 8.61 -9.98
CA GLU A 364 -19.59 9.38 -11.17
C GLU A 364 -18.25 8.95 -11.72
N ILE A 365 -17.22 8.94 -10.86
CA ILE A 365 -15.88 8.70 -11.39
C ILE A 365 -15.66 7.24 -11.75
N LEU A 366 -16.25 6.28 -11.05
CA LEU A 366 -16.08 4.89 -11.46
C LEU A 366 -16.79 4.62 -12.77
N VAL A 367 -18.02 5.10 -12.92
CA VAL A 367 -18.72 4.88 -14.17
C VAL A 367 -17.99 5.57 -15.31
N GLU A 368 -17.52 6.81 -15.07
CA GLU A 368 -16.77 7.54 -16.09
C GLU A 368 -15.48 6.81 -16.46
N THR A 369 -14.82 6.18 -15.49
CA THR A 369 -13.59 5.45 -15.79
C THR A 369 -13.87 4.25 -16.68
N LYS A 370 -14.92 3.49 -16.34
CA LYS A 370 -15.33 2.37 -17.17
C LYS A 370 -15.61 2.82 -18.61
N GLU A 371 -16.36 3.91 -18.75
CA GLU A 371 -16.68 4.42 -20.09
C GLU A 371 -15.41 4.85 -20.83
N GLU A 372 -14.48 5.46 -20.10
CA GLU A 372 -13.25 5.95 -20.75
C GLU A 372 -12.35 4.80 -21.15
N ILE A 373 -12.29 3.74 -20.33
CA ILE A 373 -11.55 2.55 -20.72
C ILE A 373 -12.13 1.98 -22.00
N LYS A 374 -13.46 1.90 -22.08
CA LYS A 374 -14.11 1.30 -23.24
C LYS A 374 -13.81 2.09 -24.51
N ALA A 375 -13.82 3.42 -24.41
CA ALA A 375 -13.58 4.24 -25.59
C ALA A 375 -12.12 4.25 -26.04
N SER A 376 -11.20 3.70 -25.26
CA SER A 376 -9.78 3.66 -25.61
C SER A 376 -9.40 2.27 -26.11
N LYS A 377 -8.29 2.20 -26.87
CA LYS A 377 -7.73 0.87 -27.13
C LYS A 377 -6.95 0.31 -25.96
N LEU A 378 -6.94 0.99 -24.82
CA LEU A 378 -6.30 0.44 -23.64
C LEU A 378 -7.15 -0.66 -23.01
N THR A 379 -6.47 -1.70 -22.56
CA THR A 379 -7.03 -2.71 -21.68
C THR A 379 -6.96 -2.20 -20.26
N GLY A 380 -8.01 -2.44 -19.49
CA GLY A 380 -7.98 -2.08 -18.07
C GLY A 380 -8.89 -2.97 -17.27
N ALA A 381 -8.48 -3.21 -16.01
CA ALA A 381 -9.31 -3.90 -15.05
C ALA A 381 -9.49 -2.98 -13.84
N ILE A 382 -10.64 -3.03 -13.20
CA ILE A 382 -10.93 -2.14 -12.07
C ILE A 382 -11.16 -2.97 -10.82
N VAL A 383 -10.45 -2.63 -9.75
CA VAL A 383 -10.67 -3.29 -8.47
C VAL A 383 -10.54 -2.23 -7.40
N GLY A 384 -11.25 -2.38 -6.30
CA GLY A 384 -11.10 -1.26 -5.40
C GLY A 384 -11.64 -1.33 -4.00
N HIS A 385 -10.92 -0.66 -3.08
CA HIS A 385 -11.40 -0.46 -1.71
C HIS A 385 -12.47 0.63 -1.69
N VAL A 386 -13.62 0.31 -2.29
CA VAL A 386 -14.64 1.32 -2.53
C VAL A 386 -15.31 1.78 -1.23
N GLY A 387 -15.21 1.00 -0.15
CA GLY A 387 -15.72 1.47 1.13
C GLY A 387 -15.03 2.71 1.61
N ASP A 388 -13.82 2.96 1.12
CA ASP A 388 -13.06 4.18 1.40
C ASP A 388 -13.22 5.22 0.31
N GLY A 389 -14.05 4.97 -0.70
CA GLY A 389 -14.09 5.87 -1.84
C GLY A 389 -12.89 5.76 -2.76
N ASN A 390 -12.21 4.62 -2.75
CA ASN A 390 -10.91 4.41 -3.37
C ASN A 390 -11.04 3.28 -4.38
N PHE A 391 -10.33 3.39 -5.50
CA PHE A 391 -10.26 2.26 -6.42
C PHE A 391 -8.99 2.35 -7.26
N ALA A 392 -8.65 1.22 -7.86
CA ALA A 392 -7.49 1.12 -8.72
C ALA A 392 -7.93 0.72 -10.13
N CYS A 393 -7.40 1.42 -11.12
CA CYS A 393 -7.48 0.99 -12.51
C CYS A 393 -6.14 0.38 -12.87
N ILE A 394 -6.14 -0.90 -13.24
CA ILE A 394 -4.91 -1.61 -13.60
C ILE A 394 -4.81 -1.65 -15.11
N LEU A 395 -3.75 -1.05 -15.65
CA LEU A 395 -3.60 -0.79 -17.08
C LEU A 395 -2.37 -1.54 -17.58
N LEU A 396 -2.60 -2.65 -18.28
CA LEU A 396 -1.50 -3.45 -18.78
C LEU A 396 -0.72 -2.70 -19.85
N VAL A 397 0.55 -3.05 -19.98
CA VAL A 397 1.46 -2.40 -20.92
C VAL A 397 2.37 -3.45 -21.54
N ASP A 398 2.53 -3.39 -22.85
CA ASP A 398 3.66 -4.05 -23.49
C ASP A 398 4.93 -3.29 -23.13
N PRO A 399 5.88 -3.90 -22.42
CA PRO A 399 7.07 -3.15 -21.99
C PRO A 399 7.87 -2.55 -23.14
N ASP A 400 7.69 -3.00 -24.37
CA ASP A 400 8.45 -2.49 -25.51
C ASP A 400 7.65 -1.53 -26.39
N ASP A 401 6.36 -1.34 -26.10
CA ASP A 401 5.48 -0.50 -26.91
C ASP A 401 5.47 0.89 -26.30
N ALA A 402 6.35 1.77 -26.81
CA ALA A 402 6.47 3.10 -26.24
C ALA A 402 5.22 3.94 -26.47
N GLU A 403 4.53 3.74 -27.58
CA GLU A 403 3.31 4.50 -27.83
C GLU A 403 2.21 4.11 -26.86
N GLU A 404 2.10 2.81 -26.54
CA GLU A 404 1.11 2.37 -25.56
C GLU A 404 1.39 2.97 -24.19
N GLN A 405 2.66 3.01 -23.78
CA GLN A 405 2.98 3.57 -22.46
C GLN A 405 2.58 5.04 -22.37
N ARG A 406 2.78 5.79 -23.45
CA ARG A 406 2.39 7.19 -23.43
C ARG A 406 0.87 7.32 -23.24
N ARG A 407 0.09 6.45 -23.90
CA ARG A 407 -1.35 6.52 -23.74
C ARG A 407 -1.78 6.10 -22.35
N VAL A 408 -1.12 5.10 -21.77
CA VAL A 408 -1.46 4.68 -20.41
C VAL A 408 -1.16 5.79 -19.42
N LYS A 409 0.02 6.40 -19.54
CA LYS A 409 0.34 7.57 -18.71
C LYS A 409 -0.67 8.69 -18.84
N ALA A 410 -1.04 9.03 -20.08
CA ALA A 410 -2.03 10.09 -20.27
C ALA A 410 -3.34 9.73 -19.62
N PHE A 411 -3.77 8.48 -19.75
CA PHE A 411 -5.02 8.03 -19.14
C PHE A 411 -4.96 8.15 -17.62
N ALA A 412 -3.86 7.69 -17.03
CA ALA A 412 -3.74 7.71 -15.58
C ALA A 412 -3.68 9.14 -15.06
N GLU A 413 -2.97 10.03 -15.76
CA GLU A 413 -2.92 11.43 -15.36
C GLU A 413 -4.29 12.10 -15.45
N ASN A 414 -5.07 11.78 -16.51
CA ASN A 414 -6.38 12.40 -16.64
C ASN A 414 -7.34 11.90 -15.57
N LEU A 415 -7.27 10.62 -15.22
CA LEU A 415 -8.08 10.10 -14.13
C LEU A 415 -7.70 10.77 -12.81
N GLY A 416 -6.39 10.89 -12.54
CA GLY A 416 -5.98 11.59 -11.34
C GLY A 416 -6.53 13.00 -11.29
N ARG A 417 -6.45 13.71 -12.42
CA ARG A 417 -6.95 15.08 -12.42
C ARG A 417 -8.45 15.14 -12.25
N ARG A 418 -9.19 14.15 -12.77
CA ARG A 418 -10.63 14.11 -12.53
C ARG A 418 -10.93 13.91 -11.05
N ALA A 419 -10.17 13.05 -10.39
CA ALA A 419 -10.35 12.89 -8.95
C ALA A 419 -10.07 14.18 -8.19
N LEU A 420 -9.01 14.91 -8.59
CA LEU A 420 -8.73 16.18 -7.94
C LEU A 420 -9.85 17.18 -8.17
N ALA A 421 -10.44 17.17 -9.37
CA ALA A 421 -11.53 18.09 -9.64
C ALA A 421 -12.75 17.81 -8.78
N LEU A 422 -12.88 16.58 -8.26
CA LEU A 422 -14.00 16.19 -7.42
C LEU A 422 -13.71 16.38 -5.93
N GLY A 423 -12.58 17.02 -5.59
CA GLY A 423 -12.24 17.23 -4.20
C GLY A 423 -11.47 16.09 -3.56
N GLY A 424 -11.00 15.13 -4.35
CA GLY A 424 -10.35 13.95 -3.82
C GLY A 424 -8.84 14.05 -3.85
N THR A 425 -8.21 12.88 -3.81
CA THR A 425 -6.75 12.76 -3.75
C THR A 425 -6.29 11.82 -4.86
N CYS A 426 -5.07 12.06 -5.34
CA CYS A 426 -4.55 11.25 -6.43
C CYS A 426 -4.09 9.86 -5.97
N THR A 427 -3.94 9.65 -4.67
CA THR A 427 -3.56 8.32 -4.20
C THR A 427 -4.17 8.07 -2.83
N GLY A 428 -4.98 7.02 -2.74
CA GLY A 428 -5.55 6.66 -1.45
C GLY A 428 -4.60 5.86 -0.58
N GLU A 429 -3.66 5.13 -1.17
CA GLU A 429 -2.81 4.27 -0.36
C GLU A 429 -1.44 3.93 -0.97
N HIS A 430 -1.30 3.91 -2.30
CA HIS A 430 -0.04 3.44 -2.89
C HIS A 430 1.10 4.41 -2.71
N GLY A 431 0.81 5.70 -2.67
CA GLY A 431 1.83 6.72 -2.57
C GLY A 431 2.14 7.38 -3.90
N ILE A 432 3.18 8.19 -3.87
CA ILE A 432 3.54 9.08 -4.99
C ILE A 432 4.69 8.52 -5.80
N GLY A 433 5.74 8.08 -5.12
CA GLY A 433 6.96 7.63 -5.75
C GLY A 433 7.43 8.51 -6.88
N LEU A 434 7.65 7.89 -8.04
CA LEU A 434 8.03 8.57 -9.26
C LEU A 434 6.84 9.00 -10.11
N GLY A 435 5.68 8.35 -9.93
CA GLY A 435 4.62 8.49 -10.91
C GLY A 435 3.63 9.63 -10.70
N LYS A 436 3.41 10.07 -9.45
CA LYS A 436 2.36 11.05 -9.18
C LYS A 436 2.90 12.38 -8.70
N ARG A 437 4.15 12.72 -9.01
CA ARG A 437 4.73 13.93 -8.44
C ARG A 437 4.06 15.18 -8.98
N GLN A 438 3.68 15.18 -10.25
CA GLN A 438 2.99 16.37 -10.77
C GLN A 438 1.59 16.48 -10.21
N LEU A 439 0.89 15.34 -10.07
CA LEU A 439 -0.44 15.37 -9.49
C LEU A 439 -0.41 15.89 -8.05
N LEU A 440 0.61 15.50 -7.27
CA LEU A 440 0.72 16.01 -5.90
C LEU A 440 0.83 17.53 -5.89
N GLN A 441 1.63 18.09 -6.81
CA GLN A 441 1.75 19.54 -6.86
C GLN A 441 0.41 20.20 -7.12
N GLU A 442 -0.38 19.62 -8.02
CA GLU A 442 -1.71 20.17 -8.26
C GLU A 442 -2.60 19.97 -7.05
N GLU A 443 -2.44 18.86 -6.34
CA GLU A 443 -3.35 18.51 -5.25
C GLU A 443 -3.22 19.48 -4.08
N VAL A 444 -2.00 19.83 -3.68
CA VAL A 444 -1.82 20.64 -2.48
C VAL A 444 -1.38 22.07 -2.76
N GLY A 445 -1.06 22.40 -4.01
CA GLY A 445 -0.82 23.79 -4.34
C GLY A 445 0.54 24.26 -3.89
N PRO A 446 0.89 25.51 -4.23
CA PRO A 446 2.27 25.98 -3.96
C PRO A 446 2.63 26.03 -2.49
N VAL A 447 1.70 26.41 -1.60
CA VAL A 447 2.08 26.53 -0.19
C VAL A 447 2.20 25.15 0.42
N GLY A 448 1.34 24.22 0.00
CA GLY A 448 1.49 22.84 0.42
C GLY A 448 2.80 22.22 -0.05
N VAL A 449 3.17 22.47 -1.31
CA VAL A 449 4.42 21.90 -1.80
C VAL A 449 5.61 22.47 -1.05
N GLU A 450 5.63 23.80 -0.88
CA GLU A 450 6.78 24.39 -0.18
C GLU A 450 6.87 23.91 1.25
N THR A 451 5.72 23.75 1.92
CA THR A 451 5.74 23.29 3.31
C THR A 451 6.27 21.87 3.39
N MET A 452 5.77 20.99 2.51
CA MET A 452 6.32 19.65 2.45
C MET A 452 7.82 19.67 2.18
N ARG A 453 8.27 20.53 1.28
CA ARG A 453 9.68 20.55 0.96
C ARG A 453 10.50 21.10 2.12
N GLN A 454 9.94 22.03 2.88
CA GLN A 454 10.66 22.51 4.05
C GLN A 454 10.83 21.41 5.09
N LEU A 455 9.84 20.55 5.23
CA LEU A 455 9.97 19.41 6.14
C LEU A 455 11.03 18.45 5.64
N LYS A 456 10.99 18.12 4.34
CA LYS A 456 12.01 17.29 3.73
C LYS A 456 13.41 17.86 3.95
N ASN A 457 13.56 19.18 3.79
CA ASN A 457 14.89 19.76 3.90
C ASN A 457 15.41 19.77 5.33
N THR A 458 14.54 19.90 6.34
CA THR A 458 15.14 19.95 7.68
C THR A 458 15.60 18.57 8.10
N LEU A 459 14.91 17.52 7.67
CA LEU A 459 15.30 16.16 8.02
C LEU A 459 16.40 15.62 7.10
N ASP A 460 16.44 16.06 5.84
CA ASP A 460 17.40 15.57 4.85
C ASP A 460 18.02 16.75 4.13
N PRO A 461 18.88 17.53 4.80
CA PRO A 461 19.41 18.74 4.16
C PRO A 461 20.12 18.48 2.85
N ARG A 462 20.89 17.41 2.76
CA ARG A 462 21.66 17.15 1.54
C ARG A 462 20.85 16.49 0.43
N GLY A 463 19.58 16.18 0.67
CA GLY A 463 18.74 15.58 -0.34
C GLY A 463 19.18 14.20 -0.77
N LEU A 464 19.74 13.41 0.14
CA LEU A 464 20.27 12.09 -0.17
C LEU A 464 19.35 10.96 0.24
N MET A 465 18.22 11.27 0.86
CA MET A 465 17.36 10.23 1.41
C MET A 465 16.29 9.93 0.34
N ASN A 466 16.52 8.87 -0.43
CA ASN A 466 15.69 8.47 -1.55
C ASN A 466 15.34 9.63 -2.49
N PRO A 467 16.34 10.22 -3.16
CA PRO A 467 16.08 11.40 -3.97
C PRO A 467 15.20 11.10 -5.18
N GLY A 468 14.49 12.13 -5.63
CA GLY A 468 13.69 12.02 -6.81
C GLY A 468 12.30 11.47 -6.61
N LYS A 469 11.89 11.23 -5.37
CA LYS A 469 10.60 10.64 -5.05
C LYS A 469 9.75 11.63 -4.27
N VAL A 470 8.44 11.57 -4.52
CA VAL A 470 7.39 12.31 -3.82
C VAL A 470 7.39 13.78 -4.22
N LEU A 471 8.48 14.49 -3.90
CA LEU A 471 8.62 15.90 -4.24
C LEU A 471 9.57 16.09 -5.43
C5 7N6 B . -1.58 -2.42 -6.73
C4 7N6 B . -2.94 -2.37 -7.43
C1 7N6 B . -5.10 -3.92 -4.65
O8 7N6 B . -6.06 -3.25 -4.19
O9 7N6 B . -4.10 -1.81 -4.75
C2 7N6 B . -3.93 -3.13 -5.20
O7 7N6 B . -5.10 -5.19 -4.65
C3 7N6 B . -4.02 -3.19 -6.73
C6 7N6 B . -0.90 -3.78 -6.92
PA FAD C . 9.05 -1.27 -1.14
O1A FAD C . 8.66 -1.33 -2.57
O2A FAD C . 10.26 -2.04 -0.66
O5B FAD C . 9.26 0.29 -0.80
C5B FAD C . 8.16 1.22 -0.98
C4B FAD C . 8.61 2.62 -0.63
O4B FAD C . 8.79 2.72 0.79
C3B FAD C . 9.95 3.03 -1.24
O3B FAD C . 9.96 4.42 -1.53
C2B FAD C . 10.96 2.65 -0.16
O2B FAD C . 12.13 3.46 -0.15
C1B FAD C . 10.16 2.94 1.11
N9A FAD C . 10.47 2.10 2.24
C8A FAD C . 10.36 0.73 2.32
N7A FAD C . 10.65 0.24 3.50
C5A FAD C . 10.99 1.35 4.25
C6A FAD C . 11.42 1.49 5.58
N6A FAD C . 11.56 0.48 6.43
N1A FAD C . 11.69 2.76 6.01
C2A FAD C . 11.56 3.78 5.16
N3A FAD C . 11.15 3.75 3.89
C4A FAD C . 10.89 2.50 3.49
N1 FAD C . -0.68 -1.28 -1.21
C2 FAD C . -1.73 -0.80 -0.49
O2 FAD C . -1.64 0.25 0.16
N3 FAD C . -2.93 -1.49 -0.46
C4 FAD C . -3.19 -2.69 -1.11
O4 FAD C . -4.30 -3.21 -1.02
C4X FAD C . -2.07 -3.19 -1.88
N5 FAD C . -2.22 -4.35 -2.53
C5X FAD C . -1.14 -4.81 -3.27
C6 FAD C . -1.27 -6.02 -3.95
C7 FAD C . -0.22 -6.54 -4.69
C7M FAD C . -0.41 -7.83 -5.44
C8 FAD C . 0.99 -5.84 -4.76
C8M FAD C . 2.16 -6.36 -5.57
C9 FAD C . 1.14 -4.63 -4.07
C9A FAD C . 0.09 -4.13 -3.33
N10 FAD C . 0.21 -2.92 -2.60
C10 FAD C . -0.85 -2.42 -1.87
C1' FAD C . 1.43 -2.11 -2.70
C2' FAD C . 2.54 -2.49 -1.73
O2' FAD C . 2.40 -3.85 -1.34
C3' FAD C . 2.51 -1.53 -0.54
O3' FAD C . 2.77 -0.22 -1.03
C4' FAD C . 3.53 -1.88 0.53
O4' FAD C . 3.32 -1.00 1.64
C5' FAD C . 4.95 -1.77 0.03
O5' FAD C . 5.85 -2.31 1.02
P FAD C . 7.27 -2.83 0.59
O1P FAD C . 8.14 -3.08 1.82
O2P FAD C . 7.13 -4.02 -0.33
O3P FAD C . 7.79 -1.56 -0.21
#